data_1K6X
#
_entry.id   1K6X
#
_cell.length_a   76.690
_cell.length_b   76.690
_cell.length_c   104.480
_cell.angle_alpha   90.00
_cell.angle_beta   90.00
_cell.angle_gamma   120.00
#
_symmetry.space_group_name_H-M   'P 32 2 1'
#
loop_
_entity.id
_entity.type
_entity.pdbx_description
1 polymer NmrA
2 non-polymer 'CHLORIDE ION'
3 non-polymer NICOTINAMIDE-ADENINE-DINUCLEOTIDE
4 water water
#
_entity_poly.entity_id   1
_entity_poly.type   'polypeptide(L)'
_entity_poly.pdbx_seq_one_letter_code
;MAQQKKTIAVVNATGRQAASLIRVAAAVGHHVRAQVHSLKGLIAEELQAIPNVTLFQGPLLNNVPLMDTLFEGAHLAFIN
TTSQAGDEIAIGKDLADAAKRAGTIQHYIYSSMPDHSLYGPWPAVPMWAPKFTVENYVRQLGLPSTFVYAGIYNNNFTSL
PYPLFQMELMPDGTFEWHAPFDPDIPLPWLDAEHDVGPALLQIFKDGPQKWNGHRIALTFETLSPVQVCAAFSRALNRRV
TYVQVPKVEIKVNIPVGYREQLEAIEVVFGEHKAPYFPLPEFSRPAAGSPKGLGPANGKGAGAGMMQGPGGVISQRVTDE
ARKLWSGWRDMEEYAREVFPIEEEANGLDWML
;
_entity_poly.pdbx_strand_id   A
#
loop_
_chem_comp.id
_chem_comp.type
_chem_comp.name
_chem_comp.formula
CL non-polymer 'CHLORIDE ION' 'Cl -1'
NAD non-polymer NICOTINAMIDE-ADENINE-DINUCLEOTIDE 'C21 H27 N7 O14 P2'
#
# COMPACT_ATOMS: atom_id res chain seq x y z
N GLN A 3 -21.73 2.01 21.25
CA GLN A 3 -21.18 1.99 19.85
C GLN A 3 -20.33 3.21 19.51
N GLN A 4 -19.69 3.82 20.51
CA GLN A 4 -18.85 4.99 20.27
C GLN A 4 -17.59 4.60 19.48
N LYS A 5 -17.26 5.36 18.43
CA LYS A 5 -16.09 5.07 17.59
C LYS A 5 -14.82 4.99 18.40
N LYS A 6 -14.07 3.90 18.24
CA LYS A 6 -12.84 3.68 18.99
C LYS A 6 -11.63 4.42 18.46
N THR A 7 -10.69 4.71 19.36
CA THR A 7 -9.50 5.45 18.97
C THR A 7 -8.50 4.54 18.24
N ILE A 8 -8.04 5.01 17.09
CA ILE A 8 -7.11 4.23 16.26
C ILE A 8 -5.71 4.82 16.28
N ALA A 9 -4.70 3.98 16.50
CA ALA A 9 -3.30 4.40 16.49
C ALA A 9 -2.69 3.97 15.14
N VAL A 10 -1.91 4.86 14.52
CA VAL A 10 -1.28 4.57 13.23
C VAL A 10 0.09 5.22 13.19
N VAL A 11 0.98 4.69 12.34
CA VAL A 11 2.29 5.30 12.16
C VAL A 11 2.42 5.71 10.70
N ASN A 12 3.46 6.47 10.39
CA ASN A 12 3.69 6.94 9.01
C ASN A 12 2.41 7.52 8.46
N ALA A 13 1.83 8.41 9.25
CA ALA A 13 0.55 9.05 8.94
C ALA A 13 0.49 9.76 7.60
N THR A 14 1.62 10.29 7.11
CA THR A 14 1.60 11.00 5.82
C THR A 14 1.72 10.06 4.60
N GLY A 15 1.94 8.78 4.86
CA GLY A 15 2.01 7.81 3.77
C GLY A 15 0.62 7.55 3.23
N ARG A 16 0.53 7.18 1.96
CA ARG A 16 -0.76 6.93 1.34
C ARG A 16 -1.75 5.99 2.04
N GLN A 17 -1.26 4.88 2.58
CA GLN A 17 -2.17 3.96 3.26
C GLN A 17 -2.75 4.57 4.53
N ALA A 18 -1.87 5.03 5.42
CA ALA A 18 -2.31 5.62 6.68
C ALA A 18 -3.20 6.85 6.45
N ALA A 19 -2.77 7.75 5.55
CA ALA A 19 -3.53 8.96 5.29
C ALA A 19 -4.94 8.62 4.81
N SER A 20 -5.08 7.62 3.95
CA SER A 20 -6.40 7.24 3.47
C SER A 20 -7.32 6.84 4.65
N LEU A 21 -6.79 6.02 5.56
CA LEU A 21 -7.55 5.57 6.73
C LEU A 21 -7.89 6.73 7.65
N ILE A 22 -6.91 7.59 7.91
CA ILE A 22 -7.14 8.71 8.82
C ILE A 22 -8.25 9.64 8.37
N ARG A 23 -8.26 9.98 7.08
CA ARG A 23 -9.29 10.89 6.60
C ARG A 23 -10.70 10.32 6.80
N VAL A 24 -10.94 9.08 6.34
CA VAL A 24 -12.27 8.52 6.48
C VAL A 24 -12.64 8.15 7.92
N ALA A 25 -11.66 7.69 8.69
CA ALA A 25 -11.90 7.33 10.10
C ALA A 25 -12.36 8.55 10.89
N ALA A 26 -11.63 9.64 10.74
CA ALA A 26 -11.97 10.87 11.45
C ALA A 26 -13.35 11.38 11.03
N ALA A 27 -13.67 11.28 9.74
CA ALA A 27 -14.96 11.77 9.27
C ALA A 27 -16.16 10.99 9.83
N VAL A 28 -15.95 9.74 10.26
CA VAL A 28 -17.04 8.96 10.84
C VAL A 28 -17.01 8.89 12.37
N GLY A 29 -16.14 9.71 12.96
CA GLY A 29 -16.09 9.79 14.41
C GLY A 29 -14.93 9.21 15.18
N HIS A 30 -14.01 8.53 14.51
CA HIS A 30 -12.87 7.96 15.23
C HIS A 30 -11.87 9.02 15.63
N HIS A 31 -11.32 8.91 16.84
CA HIS A 31 -10.25 9.81 17.22
C HIS A 31 -9.05 9.00 16.71
N VAL A 32 -8.02 9.71 16.26
CA VAL A 32 -6.84 9.06 15.72
C VAL A 32 -5.57 9.59 16.39
N ARG A 33 -4.69 8.68 16.76
CA ARG A 33 -3.40 9.03 17.35
C ARG A 33 -2.42 8.60 16.25
N ALA A 34 -1.76 9.58 15.65
CA ALA A 34 -0.90 9.30 14.52
C ALA A 34 0.53 9.80 14.60
N GLN A 35 1.46 8.89 14.35
CA GLN A 35 2.85 9.25 14.37
C GLN A 35 3.25 9.75 12.98
N VAL A 36 4.07 10.79 12.95
CA VAL A 36 4.61 11.35 11.72
C VAL A 36 6.09 11.58 11.98
N HIS A 37 6.91 11.44 10.94
CA HIS A 37 8.35 11.66 11.14
C HIS A 37 8.64 13.13 11.39
N SER A 38 7.83 14.01 10.79
CA SER A 38 7.93 15.46 10.98
C SER A 38 6.59 16.14 10.69
N LEU A 39 6.30 17.23 11.41
CA LEU A 39 5.04 17.94 11.24
C LEU A 39 4.90 18.79 9.99
N LYS A 40 5.99 19.02 9.28
CA LYS A 40 5.95 19.85 8.06
C LYS A 40 5.42 19.09 6.83
N GLY A 41 5.03 19.83 5.81
CA GLY A 41 4.54 19.18 4.61
C GLY A 41 3.04 19.25 4.45
N LEU A 42 2.59 19.26 3.21
CA LEU A 42 1.17 19.35 2.91
C LEU A 42 0.27 18.36 3.63
N ILE A 43 0.61 17.07 3.56
CA ILE A 43 -0.21 16.04 4.20
C ILE A 43 -0.22 16.16 5.71
N ALA A 44 0.95 16.30 6.33
CA ALA A 44 1.01 16.46 7.78
C ALA A 44 0.17 17.65 8.24
N GLU A 45 0.32 18.78 7.55
CA GLU A 45 -0.44 19.98 7.90
C GLU A 45 -1.96 19.75 7.73
N GLU A 46 -2.34 19.05 6.67
CA GLU A 46 -3.74 18.74 6.41
C GLU A 46 -4.31 17.88 7.57
N LEU A 47 -3.59 16.83 7.93
CA LEU A 47 -4.03 15.93 8.98
C LEU A 47 -4.11 16.60 10.34
N GLN A 48 -3.16 17.49 10.63
CA GLN A 48 -3.16 18.18 11.92
C GLN A 48 -4.38 19.08 12.03
N ALA A 49 -4.91 19.52 10.90
CA ALA A 49 -6.07 20.40 10.92
C ALA A 49 -7.39 19.67 11.15
N ILE A 50 -7.34 18.34 11.20
CA ILE A 50 -8.54 17.54 11.46
C ILE A 50 -8.66 17.44 12.98
N PRO A 51 -9.75 17.98 13.55
CA PRO A 51 -9.94 17.94 15.01
C PRO A 51 -9.81 16.56 15.70
N ASN A 52 -10.37 15.51 15.10
CA ASN A 52 -10.30 14.15 15.69
C ASN A 52 -8.91 13.52 15.61
N VAL A 53 -7.97 14.20 14.95
CA VAL A 53 -6.61 13.68 14.78
C VAL A 53 -5.60 14.37 15.69
N THR A 54 -4.73 13.59 16.32
CA THR A 54 -3.64 14.15 17.14
C THR A 54 -2.35 13.55 16.58
N LEU A 55 -1.42 14.41 16.17
CA LEU A 55 -0.16 13.92 15.61
C LEU A 55 0.93 13.88 16.68
N PHE A 56 1.81 12.89 16.57
CA PHE A 56 2.93 12.73 17.51
C PHE A 56 4.16 12.62 16.63
N GLN A 57 4.94 13.69 16.57
CA GLN A 57 6.12 13.73 15.71
C GLN A 57 7.38 13.14 16.32
N GLY A 58 8.13 12.43 15.51
CA GLY A 58 9.36 11.85 15.96
C GLY A 58 9.66 10.58 15.23
N PRO A 59 10.89 10.06 15.40
CA PRO A 59 11.31 8.83 14.74
C PRO A 59 10.77 7.62 15.45
N LEU A 60 10.61 6.53 14.71
CA LEU A 60 10.15 5.27 15.28
C LEU A 60 11.39 4.49 15.72
N LEU A 61 12.46 4.62 14.94
CA LEU A 61 13.73 3.94 15.20
C LEU A 61 14.22 4.19 16.61
N ASN A 62 14.36 3.11 17.39
CA ASN A 62 14.83 3.21 18.77
C ASN A 62 14.11 4.28 19.59
N ASN A 63 12.78 4.31 19.47
CA ASN A 63 12.00 5.30 20.20
C ASN A 63 10.73 4.61 20.71
N VAL A 64 10.91 3.61 21.57
CA VAL A 64 9.77 2.92 22.13
C VAL A 64 8.87 3.88 22.91
N PRO A 65 9.46 4.90 23.56
CA PRO A 65 8.63 5.87 24.30
C PRO A 65 7.54 6.48 23.44
N LEU A 66 7.88 6.80 22.20
CA LEU A 66 6.89 7.40 21.29
C LEU A 66 5.79 6.38 21.00
N MET A 67 6.17 5.11 20.88
CA MET A 67 5.21 4.04 20.63
C MET A 67 4.24 3.87 21.81
N ASP A 68 4.76 3.93 23.03
CA ASP A 68 3.91 3.79 24.20
C ASP A 68 2.93 4.96 24.23
N THR A 69 3.42 6.15 23.89
CA THR A 69 2.58 7.34 23.85
C THR A 69 1.47 7.16 22.80
N LEU A 70 1.85 6.73 21.62
CA LEU A 70 0.92 6.53 20.52
C LEU A 70 -0.25 5.61 20.88
N PHE A 71 0.05 4.48 21.50
CA PHE A 71 -0.98 3.52 21.86
C PHE A 71 -1.80 3.81 23.10
N GLU A 72 -1.39 4.84 23.86
CA GLU A 72 -2.11 5.19 25.08
C GLU A 72 -3.55 5.60 24.80
N GLY A 73 -4.51 4.81 25.29
CA GLY A 73 -5.91 5.13 25.07
C GLY A 73 -6.47 4.65 23.74
N ALA A 74 -5.65 3.99 22.93
CA ALA A 74 -6.10 3.48 21.63
C ALA A 74 -6.70 2.08 21.81
N HIS A 75 -7.68 1.72 20.97
CA HIS A 75 -8.31 0.41 21.03
C HIS A 75 -8.12 -0.36 19.74
N LEU A 76 -7.72 0.35 18.69
CA LEU A 76 -7.51 -0.24 17.35
C LEU A 76 -6.18 0.28 16.80
N ALA A 77 -5.53 -0.48 15.93
CA ALA A 77 -4.28 -0.03 15.35
C ALA A 77 -4.14 -0.45 13.89
N PHE A 78 -3.57 0.43 13.08
CA PHE A 78 -3.29 0.08 11.70
C PHE A 78 -1.85 0.50 11.54
N ILE A 79 -0.97 -0.49 11.37
CA ILE A 79 0.46 -0.23 11.30
C ILE A 79 1.08 -0.63 9.95
N ASN A 80 1.72 0.35 9.33
CA ASN A 80 2.38 0.18 8.04
C ASN A 80 3.75 0.82 8.18
N THR A 81 4.80 0.00 8.16
CA THR A 81 6.17 0.50 8.29
C THR A 81 6.83 0.71 6.93
N THR A 82 8.05 1.23 6.96
CA THR A 82 8.86 1.48 5.77
C THR A 82 10.29 1.08 6.09
N SER A 83 11.12 1.00 5.05
CA SER A 83 12.52 0.60 5.22
C SER A 83 13.44 1.80 5.34
N GLN A 84 12.87 2.98 5.11
CA GLN A 84 13.58 4.25 5.15
C GLN A 84 14.66 4.28 6.23
N ALA A 85 14.24 4.19 7.49
CA ALA A 85 15.16 4.22 8.63
C ALA A 85 16.03 2.96 8.75
N GLY A 86 15.72 1.93 7.97
CA GLY A 86 16.43 0.68 8.08
C GLY A 86 15.79 0.11 9.34
N ASP A 87 16.16 -1.10 9.75
CA ASP A 87 15.57 -1.64 10.97
C ASP A 87 14.04 -1.80 10.94
N GLU A 88 13.46 -2.07 9.77
CA GLU A 88 12.02 -2.23 9.68
C GLU A 88 11.51 -3.39 10.52
N ILE A 89 12.28 -4.48 10.57
CA ILE A 89 11.87 -5.64 11.36
C ILE A 89 11.84 -5.29 12.84
N ALA A 90 12.90 -4.62 13.30
CA ALA A 90 12.98 -4.23 14.71
C ALA A 90 11.87 -3.24 15.08
N ILE A 91 11.60 -2.30 14.18
CA ILE A 91 10.54 -1.32 14.43
C ILE A 91 9.14 -1.98 14.45
N GLY A 92 8.88 -2.86 13.48
CA GLY A 92 7.59 -3.54 13.43
C GLY A 92 7.38 -4.38 14.68
N LYS A 93 8.45 -4.97 15.19
CA LYS A 93 8.36 -5.78 16.41
C LYS A 93 8.17 -4.89 17.64
N ASP A 94 8.90 -3.78 17.70
CA ASP A 94 8.77 -2.83 18.81
C ASP A 94 7.33 -2.31 18.86
N LEU A 95 6.79 -1.93 17.71
CA LEU A 95 5.41 -1.42 17.64
C LEU A 95 4.41 -2.45 18.16
N ALA A 96 4.55 -3.68 17.68
CA ALA A 96 3.65 -4.74 18.09
C ALA A 96 3.73 -4.95 19.61
N ASP A 97 4.96 -4.96 20.15
CA ASP A 97 5.13 -5.14 21.59
C ASP A 97 4.49 -3.99 22.37
N ALA A 98 4.64 -2.77 21.84
CA ALA A 98 4.09 -1.59 22.49
C ALA A 98 2.56 -1.68 22.52
N ALA A 99 1.98 -2.22 21.43
CA ALA A 99 0.53 -2.35 21.33
C ALA A 99 0.05 -3.35 22.37
N LYS A 100 0.72 -4.50 22.45
CA LYS A 100 0.32 -5.52 23.41
C LYS A 100 0.46 -4.95 24.82
N ARG A 101 1.55 -4.23 25.05
CA ARG A 101 1.82 -3.65 26.36
C ARG A 101 0.72 -2.68 26.82
N ALA A 102 0.16 -1.92 25.87
CA ALA A 102 -0.89 -0.96 26.21
C ALA A 102 -2.11 -1.65 26.82
N GLY A 103 -2.32 -2.92 26.45
CA GLY A 103 -3.43 -3.72 26.96
C GLY A 103 -4.81 -3.41 26.40
N THR A 104 -4.93 -2.28 25.70
CA THR A 104 -6.21 -1.84 25.14
C THR A 104 -6.43 -2.07 23.64
N ILE A 105 -5.45 -2.62 22.94
CA ILE A 105 -5.62 -2.84 21.51
C ILE A 105 -6.39 -4.12 21.26
N GLN A 106 -7.61 -3.95 20.76
CA GLN A 106 -8.52 -5.04 20.48
C GLN A 106 -8.33 -5.66 19.09
N HIS A 107 -7.71 -4.93 18.19
CA HIS A 107 -7.58 -5.40 16.81
C HIS A 107 -6.40 -4.64 16.22
N TYR A 108 -5.35 -5.39 15.89
CA TYR A 108 -4.12 -4.84 15.34
C TYR A 108 -3.97 -5.25 13.86
N ILE A 109 -4.08 -4.29 12.95
CA ILE A 109 -3.92 -4.59 11.52
C ILE A 109 -2.52 -4.18 11.09
N TYR A 110 -1.77 -5.13 10.54
CA TYR A 110 -0.41 -4.83 10.07
C TYR A 110 -0.42 -4.97 8.54
N SER A 111 0.20 -4.01 7.85
CA SER A 111 0.25 -4.04 6.38
C SER A 111 1.49 -4.88 6.01
N SER A 112 1.23 -6.09 5.53
CA SER A 112 2.31 -7.02 5.22
C SER A 112 2.55 -7.19 3.72
N MET A 113 3.63 -7.89 3.39
CA MET A 113 3.95 -8.19 2.00
C MET A 113 4.60 -9.58 1.96
N PRO A 114 4.63 -10.21 0.76
CA PRO A 114 5.21 -11.55 0.63
C PRO A 114 6.71 -11.67 0.64
N ASP A 115 7.16 -12.88 0.94
CA ASP A 115 8.58 -13.22 0.88
C ASP A 115 8.56 -14.26 -0.26
N HIS A 116 8.85 -13.80 -1.48
CA HIS A 116 8.81 -14.69 -2.64
C HIS A 116 9.73 -15.91 -2.57
N SER A 117 10.83 -15.81 -1.83
CA SER A 117 11.75 -16.93 -1.73
C SER A 117 11.16 -18.15 -1.00
N LEU A 118 9.95 -18.02 -0.45
CA LEU A 118 9.31 -19.12 0.26
C LEU A 118 8.40 -19.93 -0.65
N TYR A 119 8.15 -19.44 -1.86
CA TYR A 119 7.20 -20.10 -2.75
C TYR A 119 7.71 -20.60 -4.09
N GLY A 120 8.97 -20.31 -4.39
CA GLY A 120 9.55 -20.70 -5.65
C GLY A 120 11.04 -20.44 -5.66
N PRO A 121 11.69 -20.68 -6.81
CA PRO A 121 13.14 -20.48 -7.01
C PRO A 121 13.36 -19.01 -7.28
N TRP A 122 12.84 -18.20 -6.37
CA TRP A 122 12.90 -16.74 -6.51
C TRP A 122 13.52 -16.07 -5.33
N PRO A 123 14.10 -14.87 -5.54
CA PRO A 123 14.73 -14.11 -4.46
C PRO A 123 13.64 -13.36 -3.70
N ALA A 124 13.91 -13.04 -2.44
CA ALA A 124 12.94 -12.27 -1.67
C ALA A 124 13.06 -10.83 -2.21
N VAL A 125 11.92 -10.16 -2.42
CA VAL A 125 11.95 -8.76 -2.86
C VAL A 125 12.24 -8.05 -1.51
N PRO A 126 13.42 -7.37 -1.42
CA PRO A 126 13.90 -6.68 -0.23
C PRO A 126 13.09 -5.70 0.61
N MET A 127 12.13 -5.02 0.01
CA MET A 127 11.29 -4.10 0.77
C MET A 127 9.94 -4.76 1.10
N TRP A 128 9.82 -6.03 0.76
CA TRP A 128 8.59 -6.78 1.02
C TRP A 128 8.81 -7.90 2.05
N ALA A 129 9.80 -8.75 1.81
CA ALA A 129 10.07 -9.88 2.70
C ALA A 129 10.16 -9.53 4.20
N PRO A 130 10.87 -8.45 4.54
CA PRO A 130 10.99 -8.07 5.95
C PRO A 130 9.62 -7.94 6.65
N LYS A 131 8.62 -7.41 5.95
CA LYS A 131 7.29 -7.26 6.53
C LYS A 131 6.68 -8.61 6.91
N PHE A 132 6.93 -9.64 6.11
CA PHE A 132 6.39 -10.97 6.41
C PHE A 132 6.99 -11.46 7.73
N THR A 133 8.25 -11.12 7.98
CA THR A 133 8.88 -11.51 9.24
C THR A 133 8.11 -10.86 10.41
N VAL A 134 7.78 -9.57 10.27
CA VAL A 134 7.02 -8.85 11.30
C VAL A 134 5.64 -9.50 11.45
N GLU A 135 5.00 -9.85 10.33
CA GLU A 135 3.71 -10.52 10.39
C GLU A 135 3.81 -11.80 11.24
N ASN A 136 4.84 -12.62 11.00
CA ASN A 136 4.97 -13.85 11.76
C ASN A 136 5.11 -13.56 13.24
N TYR A 137 5.86 -12.51 13.56
CA TYR A 137 6.05 -12.14 14.96
C TYR A 137 4.74 -11.69 15.58
N VAL A 138 4.02 -10.81 14.88
CA VAL A 138 2.74 -10.30 15.37
C VAL A 138 1.74 -11.41 15.67
N ARG A 139 1.69 -12.42 14.81
CA ARG A 139 0.78 -13.56 14.96
C ARG A 139 0.94 -14.31 16.29
N GLN A 140 2.16 -14.28 16.82
CA GLN A 140 2.50 -14.95 18.07
C GLN A 140 2.17 -14.12 19.31
N LEU A 141 1.74 -12.88 19.10
CA LEU A 141 1.39 -12.01 20.23
C LEU A 141 -0.05 -12.24 20.66
N GLY A 142 -0.30 -12.07 21.95
CA GLY A 142 -1.62 -12.32 22.48
C GLY A 142 -2.65 -11.22 22.32
N LEU A 143 -2.93 -10.86 21.07
CA LEU A 143 -3.93 -9.85 20.74
C LEU A 143 -4.34 -10.16 19.30
N PRO A 144 -5.61 -9.90 18.97
CA PRO A 144 -6.10 -10.17 17.61
C PRO A 144 -5.38 -9.31 16.57
N SER A 145 -5.03 -9.93 15.45
CA SER A 145 -4.34 -9.21 14.40
C SER A 145 -4.78 -9.71 13.03
N THR A 146 -4.74 -8.81 12.06
CA THR A 146 -5.14 -9.11 10.69
C THR A 146 -4.06 -8.50 9.79
N PHE A 147 -3.77 -9.13 8.66
CA PHE A 147 -2.72 -8.64 7.78
C PHE A 147 -3.24 -8.31 6.40
N VAL A 148 -2.99 -7.07 5.97
CA VAL A 148 -3.44 -6.65 4.65
C VAL A 148 -2.22 -6.54 3.74
N TYR A 149 -2.40 -7.01 2.51
CA TYR A 149 -1.37 -7.04 1.49
C TYR A 149 -1.79 -6.06 0.39
N ALA A 150 -1.08 -4.93 0.30
CA ALA A 150 -1.43 -3.91 -0.69
C ALA A 150 -1.07 -4.24 -2.14
N GLY A 151 -2.03 -4.02 -3.04
CA GLY A 151 -1.77 -4.25 -4.45
C GLY A 151 -0.94 -3.08 -4.96
N ILE A 152 -0.55 -3.12 -6.23
CA ILE A 152 0.26 -2.03 -6.79
C ILE A 152 -0.62 -0.78 -6.87
N TYR A 153 -0.11 0.37 -6.39
CA TYR A 153 -0.88 1.61 -6.39
C TYR A 153 -1.12 2.20 -7.77
N ASN A 154 -2.38 2.49 -8.08
CA ASN A 154 -2.70 3.12 -9.36
C ASN A 154 -1.85 4.39 -9.48
N ASN A 155 -1.75 5.16 -8.38
CA ASN A 155 -1.03 6.42 -8.47
C ASN A 155 0.48 6.36 -8.36
N ASN A 156 1.04 5.18 -8.61
CA ASN A 156 2.49 5.06 -8.69
C ASN A 156 2.80 5.73 -10.05
N PHE A 157 1.84 5.68 -10.97
CA PHE A 157 2.06 6.23 -12.32
C PHE A 157 2.29 7.74 -12.37
N THR A 158 3.31 8.12 -13.14
CA THR A 158 3.67 9.54 -13.32
C THR A 158 4.45 9.66 -14.63
N SER A 159 4.44 10.83 -15.26
CA SER A 159 5.26 10.96 -16.47
C SER A 159 6.65 11.49 -16.11
N LEU A 160 6.89 11.78 -14.83
CA LEU A 160 8.23 12.21 -14.40
C LEU A 160 9.07 10.94 -14.61
N PRO A 161 10.39 11.12 -14.84
CA PRO A 161 11.30 10.00 -15.09
C PRO A 161 11.66 9.11 -13.89
N TYR A 162 10.63 8.70 -13.13
CA TYR A 162 10.83 7.84 -11.97
C TYR A 162 10.76 6.36 -12.39
N PRO A 163 11.53 5.48 -11.73
CA PRO A 163 11.51 4.06 -12.13
C PRO A 163 10.23 3.24 -12.05
N LEU A 164 10.18 2.24 -12.92
CA LEU A 164 9.14 1.22 -12.99
C LEU A 164 7.71 1.58 -13.39
N PHE A 165 7.22 2.71 -12.90
CA PHE A 165 5.85 3.11 -13.23
C PHE A 165 5.75 4.46 -13.97
N GLN A 166 6.61 4.62 -14.97
CA GLN A 166 6.58 5.85 -15.73
C GLN A 166 5.68 5.73 -16.97
N MET A 167 4.68 6.61 -17.04
CA MET A 167 3.76 6.68 -18.17
C MET A 167 4.48 7.77 -18.97
N GLU A 168 5.47 7.35 -19.76
CA GLU A 168 6.28 8.28 -20.53
C GLU A 168 5.56 8.98 -21.69
N LEU A 169 5.68 10.31 -21.69
CA LEU A 169 5.10 11.15 -22.73
C LEU A 169 6.10 11.14 -23.88
N MET A 170 5.66 10.66 -25.05
CA MET A 170 6.55 10.62 -26.20
C MET A 170 6.45 11.94 -26.96
N PRO A 171 7.45 12.23 -27.81
CA PRO A 171 7.48 13.47 -28.60
C PRO A 171 6.19 13.70 -29.37
N ASP A 172 5.59 12.62 -29.86
CA ASP A 172 4.36 12.74 -30.63
C ASP A 172 3.06 12.81 -29.81
N GLY A 173 3.18 12.95 -28.50
CA GLY A 173 1.96 13.05 -27.70
C GLY A 173 1.39 11.73 -27.21
N THR A 174 1.98 10.63 -27.64
CA THR A 174 1.52 9.33 -27.20
C THR A 174 2.25 8.98 -25.89
N PHE A 175 1.74 7.99 -25.17
CA PHE A 175 2.34 7.55 -23.91
C PHE A 175 2.80 6.10 -24.02
N GLU A 176 3.89 5.77 -23.33
CA GLU A 176 4.41 4.40 -23.31
C GLU A 176 4.84 4.05 -21.89
N TRP A 177 4.49 2.84 -21.45
CA TRP A 177 4.89 2.38 -20.13
C TRP A 177 5.82 1.20 -20.37
N HIS A 178 7.08 1.33 -19.94
CA HIS A 178 8.10 0.28 -20.10
C HIS A 178 8.40 -0.37 -18.74
N ALA A 179 8.31 -1.68 -18.64
CA ALA A 179 8.61 -2.41 -17.39
C ALA A 179 8.93 -3.89 -17.68
N PRO A 180 9.48 -4.61 -16.68
CA PRO A 180 9.80 -6.03 -16.88
C PRO A 180 8.62 -7.00 -16.80
N PHE A 181 7.46 -6.55 -16.30
CA PHE A 181 6.29 -7.40 -16.17
C PHE A 181 5.82 -7.93 -17.51
N ASP A 182 5.41 -9.19 -17.53
CA ASP A 182 4.90 -9.79 -18.76
C ASP A 182 3.68 -8.98 -19.20
N PRO A 183 3.62 -8.63 -20.49
CA PRO A 183 2.51 -7.85 -21.03
C PRO A 183 1.13 -8.39 -20.72
N ASP A 184 1.01 -9.71 -20.58
CA ASP A 184 -0.31 -10.32 -20.41
C ASP A 184 -0.71 -10.94 -19.08
N ILE A 185 0.22 -11.04 -18.16
CA ILE A 185 -0.10 -11.62 -16.85
C ILE A 185 -0.77 -10.54 -16.02
N PRO A 186 -1.94 -10.84 -15.44
CA PRO A 186 -2.67 -9.88 -14.61
C PRO A 186 -1.96 -9.55 -13.31
N LEU A 187 -1.90 -8.27 -12.97
CA LEU A 187 -1.27 -7.80 -11.75
C LEU A 187 -2.39 -7.22 -10.87
N PRO A 188 -2.19 -7.22 -9.54
CA PRO A 188 -3.21 -6.68 -8.65
C PRO A 188 -2.98 -5.19 -8.45
N TRP A 189 -4.03 -4.39 -8.63
CA TRP A 189 -3.92 -2.94 -8.47
C TRP A 189 -4.74 -2.42 -7.30
N LEU A 190 -4.48 -1.18 -6.93
CA LEU A 190 -5.14 -0.55 -5.81
C LEU A 190 -5.13 0.97 -5.88
N ASP A 191 -6.30 1.58 -5.66
CA ASP A 191 -6.43 3.04 -5.60
C ASP A 191 -6.19 3.28 -4.10
N ALA A 192 -4.92 3.47 -3.73
CA ALA A 192 -4.54 3.66 -2.33
C ALA A 192 -5.28 4.80 -1.63
N GLU A 193 -5.27 5.96 -2.24
CA GLU A 193 -5.89 7.12 -1.66
C GLU A 193 -7.38 6.96 -1.34
N HIS A 194 -8.15 6.43 -2.29
CA HIS A 194 -9.59 6.31 -2.06
C HIS A 194 -10.05 5.03 -1.40
N ASP A 195 -9.35 3.93 -1.68
CA ASP A 195 -9.86 2.66 -1.20
C ASP A 195 -9.25 1.95 0.00
N VAL A 196 -8.02 2.31 0.36
CA VAL A 196 -7.43 1.65 1.53
C VAL A 196 -8.22 1.99 2.82
N GLY A 197 -8.48 3.28 3.06
CA GLY A 197 -9.20 3.68 4.26
C GLY A 197 -10.52 3.00 4.48
N PRO A 198 -11.47 3.07 3.52
CA PRO A 198 -12.76 2.42 3.68
C PRO A 198 -12.66 0.90 3.94
N ALA A 199 -11.73 0.23 3.25
CA ALA A 199 -11.58 -1.22 3.46
C ALA A 199 -11.10 -1.51 4.88
N LEU A 200 -10.08 -0.77 5.34
CA LEU A 200 -9.55 -0.95 6.68
C LEU A 200 -10.64 -0.70 7.72
N LEU A 201 -11.44 0.34 7.52
CA LEU A 201 -12.51 0.62 8.47
C LEU A 201 -13.50 -0.53 8.55
N GLN A 202 -13.77 -1.19 7.41
CA GLN A 202 -14.74 -2.30 7.42
C GLN A 202 -14.14 -3.48 8.19
N ILE A 203 -12.83 -3.70 8.07
CA ILE A 203 -12.19 -4.77 8.81
C ILE A 203 -12.38 -4.49 10.31
N PHE A 204 -12.17 -3.25 10.74
CA PHE A 204 -12.36 -2.88 12.14
C PHE A 204 -13.84 -3.03 12.58
N LYS A 205 -14.76 -2.69 11.70
CA LYS A 205 -16.19 -2.80 12.01
C LYS A 205 -16.56 -4.27 12.19
N ASP A 206 -16.08 -5.11 11.28
CA ASP A 206 -16.32 -6.54 11.32
C ASP A 206 -15.83 -7.12 12.65
N GLY A 207 -14.66 -6.66 13.09
CA GLY A 207 -14.15 -7.13 14.35
C GLY A 207 -13.11 -8.22 14.32
N PRO A 208 -12.41 -8.40 15.45
CA PRO A 208 -11.35 -9.40 15.61
C PRO A 208 -11.76 -10.88 15.49
N GLN A 209 -12.93 -11.25 15.97
CA GLN A 209 -13.32 -12.66 15.88
C GLN A 209 -13.41 -13.10 14.42
N LYS A 210 -13.98 -12.26 13.58
CA LYS A 210 -14.08 -12.63 12.18
C LYS A 210 -12.73 -12.60 11.43
N TRP A 211 -11.87 -11.64 11.75
CA TRP A 211 -10.63 -11.48 11.02
C TRP A 211 -9.28 -11.85 11.64
N ASN A 212 -9.28 -12.28 12.90
CA ASN A 212 -8.02 -12.65 13.57
C ASN A 212 -7.28 -13.72 12.79
N GLY A 213 -5.98 -13.48 12.53
CA GLY A 213 -5.15 -14.45 11.82
C GLY A 213 -5.28 -14.46 10.31
N HIS A 214 -6.18 -13.64 9.78
CA HIS A 214 -6.41 -13.58 8.33
C HIS A 214 -5.48 -12.66 7.55
N ARG A 215 -5.27 -13.03 6.29
CA ARG A 215 -4.49 -12.24 5.35
C ARG A 215 -5.54 -11.77 4.33
N ILE A 216 -5.54 -10.48 4.05
CA ILE A 216 -6.49 -9.93 3.11
C ILE A 216 -5.74 -9.18 2.03
N ALA A 217 -5.98 -9.54 0.78
CA ALA A 217 -5.33 -8.86 -0.35
C ALA A 217 -6.10 -7.56 -0.59
N LEU A 218 -5.44 -6.45 -0.35
CA LEU A 218 -6.04 -5.14 -0.56
C LEU A 218 -5.82 -4.75 -2.03
N THR A 219 -6.64 -5.35 -2.90
CA THR A 219 -6.59 -5.09 -4.34
C THR A 219 -8.05 -5.23 -4.80
N PHE A 220 -8.50 -4.32 -5.65
CA PHE A 220 -9.89 -4.35 -6.08
C PHE A 220 -10.09 -4.67 -7.56
N GLU A 221 -8.99 -4.79 -8.29
CA GLU A 221 -9.07 -5.11 -9.71
C GLU A 221 -7.71 -5.65 -10.17
N THR A 222 -7.73 -6.61 -11.08
CA THR A 222 -6.49 -7.16 -11.62
C THR A 222 -6.46 -6.78 -13.09
N LEU A 223 -5.29 -6.37 -13.56
CA LEU A 223 -5.13 -5.94 -14.94
C LEU A 223 -3.73 -6.26 -15.38
N SER A 224 -3.58 -6.76 -16.61
CA SER A 224 -2.26 -7.00 -17.16
C SER A 224 -1.70 -5.62 -17.58
N PRO A 225 -0.38 -5.52 -17.79
CA PRO A 225 0.17 -4.23 -18.20
C PRO A 225 -0.53 -3.72 -19.47
N VAL A 226 -0.80 -4.63 -20.39
CA VAL A 226 -1.48 -4.26 -21.62
C VAL A 226 -2.88 -3.68 -21.31
N GLN A 227 -3.58 -4.29 -20.37
CA GLN A 227 -4.90 -3.82 -19.99
C GLN A 227 -4.84 -2.48 -19.26
N VAL A 228 -3.77 -2.26 -18.50
CA VAL A 228 -3.59 -0.97 -17.79
C VAL A 228 -3.46 0.13 -18.84
N CYS A 229 -2.61 -0.10 -19.83
CA CYS A 229 -2.41 0.88 -20.90
C CYS A 229 -3.71 1.11 -21.67
N ALA A 230 -4.48 0.06 -21.92
CA ALA A 230 -5.74 0.24 -22.61
C ALA A 230 -6.69 1.12 -21.77
N ALA A 231 -6.64 0.98 -20.43
CA ALA A 231 -7.50 1.80 -19.58
C ALA A 231 -7.08 3.28 -19.65
N PHE A 232 -5.77 3.52 -19.65
CA PHE A 232 -5.25 4.90 -19.74
C PHE A 232 -5.62 5.45 -21.13
N SER A 233 -5.59 4.60 -22.14
CA SER A 233 -5.92 5.02 -23.50
C SER A 233 -7.39 5.45 -23.61
N ARG A 234 -8.29 4.66 -23.02
CA ARG A 234 -9.72 5.01 -23.06
C ARG A 234 -9.98 6.26 -22.24
N ALA A 235 -9.30 6.36 -21.10
CA ALA A 235 -9.48 7.49 -20.21
C ALA A 235 -9.00 8.82 -20.80
N LEU A 236 -7.81 8.79 -21.41
CA LEU A 236 -7.18 10.01 -21.95
C LEU A 236 -7.36 10.29 -23.42
N ASN A 237 -7.94 9.33 -24.15
CA ASN A 237 -8.15 9.46 -25.59
C ASN A 237 -6.82 9.77 -26.27
N ARG A 238 -5.83 8.92 -25.97
CA ARG A 238 -4.47 9.01 -26.52
C ARG A 238 -3.98 7.60 -26.70
N ARG A 239 -2.96 7.44 -27.53
CA ARG A 239 -2.36 6.12 -27.73
C ARG A 239 -1.47 5.85 -26.52
N VAL A 240 -1.72 4.73 -25.84
CA VAL A 240 -0.91 4.33 -24.69
C VAL A 240 -0.55 2.87 -24.91
N THR A 241 0.74 2.58 -24.99
CA THR A 241 1.15 1.21 -25.22
C THR A 241 2.21 0.71 -24.25
N TYR A 242 2.16 -0.59 -23.97
CA TYR A 242 3.10 -1.21 -23.06
C TYR A 242 4.32 -1.82 -23.77
N VAL A 243 5.49 -1.67 -23.17
CA VAL A 243 6.68 -2.27 -23.76
C VAL A 243 7.41 -3.04 -22.66
N GLN A 244 7.57 -4.36 -22.84
CA GLN A 244 8.29 -5.18 -21.86
C GLN A 244 9.80 -5.00 -22.05
N VAL A 245 10.49 -4.65 -20.98
CA VAL A 245 11.95 -4.47 -21.01
C VAL A 245 12.51 -5.29 -19.86
N PRO A 246 13.57 -6.06 -20.12
CA PRO A 246 14.25 -6.92 -19.14
C PRO A 246 14.79 -6.17 -17.92
N LYS A 247 15.38 -5.00 -18.15
CA LYS A 247 15.92 -4.19 -17.07
C LYS A 247 15.05 -2.96 -16.86
N VAL A 248 14.83 -2.60 -15.59
CA VAL A 248 14.06 -1.41 -15.30
C VAL A 248 14.88 -0.20 -15.79
N GLU A 249 14.21 0.75 -16.44
CA GLU A 249 14.86 1.95 -16.94
C GLU A 249 15.01 2.88 -15.74
N ILE A 250 16.22 3.01 -15.23
CA ILE A 250 16.46 3.87 -14.09
C ILE A 250 17.05 5.16 -14.63
N LYS A 251 16.18 6.16 -14.80
CA LYS A 251 16.54 7.46 -15.37
C LYS A 251 16.92 8.57 -14.40
N VAL A 252 16.88 8.28 -13.10
CA VAL A 252 17.24 9.27 -12.10
C VAL A 252 18.05 8.55 -11.01
N ASN A 253 18.71 9.32 -10.16
CA ASN A 253 19.48 8.75 -9.05
C ASN A 253 18.44 8.25 -8.05
N ILE A 254 18.74 7.12 -7.42
CA ILE A 254 17.86 6.53 -6.42
C ILE A 254 18.70 5.94 -5.28
N PRO A 255 18.10 5.79 -4.08
CA PRO A 255 18.77 5.21 -2.89
C PRO A 255 19.12 3.75 -3.24
N VAL A 256 20.26 3.26 -2.76
CA VAL A 256 20.69 1.90 -3.08
C VAL A 256 19.65 0.83 -2.73
N GLY A 257 18.96 1.04 -1.61
CA GLY A 257 17.95 0.08 -1.23
C GLY A 257 16.87 -0.06 -2.29
N TYR A 258 16.52 1.06 -2.94
CA TYR A 258 15.50 1.03 -3.96
C TYR A 258 16.02 0.32 -5.20
N ARG A 259 17.30 0.53 -5.50
CA ARG A 259 17.92 -0.11 -6.67
C ARG A 259 17.86 -1.63 -6.49
N GLU A 260 18.14 -2.09 -5.28
CA GLU A 260 18.13 -3.52 -4.98
C GLU A 260 16.72 -4.07 -5.08
N GLN A 261 15.74 -3.24 -4.73
CA GLN A 261 14.34 -3.63 -4.83
C GLN A 261 14.03 -3.83 -6.31
N LEU A 262 14.45 -2.88 -7.15
CA LEU A 262 14.18 -2.97 -8.58
C LEU A 262 14.88 -4.16 -9.24
N GLU A 263 16.08 -4.45 -8.76
CA GLU A 263 16.82 -5.58 -9.31
C GLU A 263 16.13 -6.91 -9.00
N ALA A 264 15.58 -7.03 -7.79
CA ALA A 264 14.87 -8.24 -7.41
C ALA A 264 13.59 -8.38 -8.25
N ILE A 265 12.94 -7.24 -8.54
CA ILE A 265 11.73 -7.23 -9.35
C ILE A 265 12.02 -7.70 -10.80
N GLU A 266 13.17 -7.30 -11.35
CA GLU A 266 13.53 -7.73 -12.71
C GLU A 266 13.63 -9.27 -12.70
N VAL A 267 14.26 -9.82 -11.66
CA VAL A 267 14.39 -11.28 -11.54
C VAL A 267 13.05 -11.99 -11.29
N VAL A 268 12.33 -11.55 -10.27
CA VAL A 268 11.04 -12.16 -9.91
C VAL A 268 9.94 -12.07 -10.97
N PHE A 269 9.73 -10.86 -11.49
CA PHE A 269 8.70 -10.63 -12.49
C PHE A 269 9.20 -10.68 -13.93
N GLY A 270 10.38 -10.14 -14.17
CA GLY A 270 10.94 -10.12 -15.52
C GLY A 270 11.34 -11.51 -15.97
N GLU A 271 12.30 -12.07 -15.26
CA GLU A 271 12.80 -13.39 -15.57
C GLU A 271 11.81 -14.53 -15.25
N HIS A 272 11.31 -14.58 -14.02
CA HIS A 272 10.43 -15.66 -13.61
C HIS A 272 8.95 -15.53 -13.79
N LYS A 273 8.46 -14.32 -14.03
CA LYS A 273 7.03 -14.15 -14.20
C LYS A 273 6.26 -14.78 -13.02
N ALA A 274 6.79 -14.58 -11.82
CA ALA A 274 6.17 -15.09 -10.59
C ALA A 274 4.97 -14.20 -10.23
N PRO A 275 4.01 -14.74 -9.45
CA PRO A 275 2.84 -13.95 -9.04
C PRO A 275 3.25 -12.79 -8.11
N TYR A 276 2.50 -11.70 -8.14
CA TYR A 276 2.78 -10.57 -7.25
C TYR A 276 2.48 -11.06 -5.83
N PHE A 277 1.36 -11.76 -5.68
CA PHE A 277 0.93 -12.35 -4.40
C PHE A 277 1.13 -13.87 -4.60
N PRO A 278 2.32 -14.39 -4.26
CA PRO A 278 2.72 -15.80 -4.40
C PRO A 278 2.22 -16.80 -3.36
N LEU A 279 1.51 -16.33 -2.36
CA LEU A 279 0.98 -17.23 -1.34
C LEU A 279 -0.11 -18.11 -1.92
N PRO A 280 -0.17 -19.37 -1.46
CA PRO A 280 -1.18 -20.31 -1.95
C PRO A 280 -2.61 -19.75 -1.96
N GLU A 281 -2.98 -19.03 -0.89
CA GLU A 281 -4.34 -18.48 -0.78
C GLU A 281 -4.66 -17.32 -1.72
N PHE A 282 -3.63 -16.74 -2.33
CA PHE A 282 -3.85 -15.63 -3.25
C PHE A 282 -3.76 -16.10 -4.72
N SER A 283 -3.53 -17.38 -4.92
CA SER A 283 -3.44 -17.94 -6.28
C SER A 283 -4.78 -17.76 -7.01
N GLY A 310 -19.68 -28.27 -10.90
CA GLY A 310 -21.04 -27.76 -10.88
C GLY A 310 -21.29 -27.01 -9.60
N GLY A 311 -21.39 -25.69 -9.69
CA GLY A 311 -21.61 -24.86 -8.52
C GLY A 311 -20.29 -24.53 -7.81
N VAL A 312 -19.24 -25.29 -8.12
CA VAL A 312 -17.96 -25.04 -7.50
C VAL A 312 -17.39 -23.68 -7.96
N ILE A 313 -17.10 -22.82 -6.99
CA ILE A 313 -16.59 -21.50 -7.30
C ILE A 313 -15.37 -21.18 -6.46
N SER A 314 -14.24 -20.94 -7.13
CA SER A 314 -13.00 -20.60 -6.44
C SER A 314 -12.91 -19.09 -6.16
N GLN A 315 -12.39 -18.75 -4.98
CA GLN A 315 -12.25 -17.36 -4.55
C GLN A 315 -11.22 -16.61 -5.39
N ARG A 316 -11.58 -15.41 -5.88
CA ARG A 316 -10.65 -14.60 -6.66
C ARG A 316 -9.96 -13.65 -5.69
N VAL A 317 -8.73 -13.26 -6.02
CA VAL A 317 -7.92 -12.40 -5.17
C VAL A 317 -8.60 -11.09 -4.71
N THR A 318 -9.52 -10.58 -5.54
CA THR A 318 -10.24 -9.33 -5.26
C THR A 318 -11.55 -9.50 -4.48
N ASP A 319 -11.99 -10.74 -4.26
CA ASP A 319 -13.25 -11.02 -3.56
C ASP A 319 -13.42 -10.36 -2.19
N GLU A 320 -12.48 -10.63 -1.28
CA GLU A 320 -12.61 -10.06 0.05
C GLU A 320 -12.61 -8.55 0.10
N ALA A 321 -11.70 -7.93 -0.64
CA ALA A 321 -11.61 -6.46 -0.68
C ALA A 321 -12.92 -5.87 -1.18
N ARG A 322 -13.42 -6.38 -2.29
CA ARG A 322 -14.68 -5.84 -2.82
C ARG A 322 -15.85 -6.03 -1.87
N LYS A 323 -15.82 -7.09 -1.06
CA LYS A 323 -16.90 -7.30 -0.10
C LYS A 323 -16.75 -6.27 1.05
N LEU A 324 -15.50 -5.95 1.39
CA LEU A 324 -15.21 -4.96 2.43
C LEU A 324 -15.62 -3.53 2.05
N TRP A 325 -15.41 -3.18 0.78
CA TRP A 325 -15.70 -1.84 0.29
C TRP A 325 -16.18 -1.89 -1.17
N SER A 326 -17.47 -1.70 -1.35
CA SER A 326 -18.12 -1.75 -2.65
C SER A 326 -17.88 -0.53 -3.53
N GLY A 327 -17.44 0.57 -2.91
CA GLY A 327 -17.24 1.80 -3.65
C GLY A 327 -15.85 2.04 -4.23
N TRP A 328 -15.10 0.97 -4.43
CA TRP A 328 -13.76 1.06 -4.98
C TRP A 328 -13.73 1.66 -6.40
N ARG A 329 -12.59 2.29 -6.73
CA ARG A 329 -12.38 2.92 -8.03
C ARG A 329 -11.36 2.20 -8.89
N ASP A 330 -11.65 2.08 -10.19
CA ASP A 330 -10.74 1.37 -11.08
C ASP A 330 -9.66 2.24 -11.76
N MET A 331 -8.81 1.58 -12.52
CA MET A 331 -7.69 2.25 -13.19
C MET A 331 -8.15 3.31 -14.18
N GLU A 332 -9.21 3.01 -14.93
CA GLU A 332 -9.74 3.94 -15.92
C GLU A 332 -10.18 5.25 -15.25
N GLU A 333 -10.86 5.15 -14.11
CA GLU A 333 -11.30 6.35 -13.39
C GLU A 333 -10.08 7.14 -12.92
N TYR A 334 -9.07 6.43 -12.42
CA TYR A 334 -7.86 7.11 -11.96
C TYR A 334 -7.22 7.87 -13.14
N ALA A 335 -6.99 7.17 -14.25
CA ALA A 335 -6.35 7.79 -15.40
C ALA A 335 -7.09 9.03 -15.91
N ARG A 336 -8.41 8.98 -15.94
CA ARG A 336 -9.21 10.08 -16.48
C ARG A 336 -9.53 11.21 -15.49
N GLU A 337 -9.71 10.87 -14.22
CA GLU A 337 -10.10 11.85 -13.23
C GLU A 337 -9.04 12.40 -12.30
N VAL A 338 -8.03 11.59 -12.00
CA VAL A 338 -7.02 12.00 -11.04
C VAL A 338 -5.63 12.21 -11.64
N PHE A 339 -5.19 11.28 -12.46
CA PHE A 339 -3.88 11.38 -13.11
C PHE A 339 -3.59 12.77 -13.74
N PRO A 340 -4.54 13.35 -14.49
CA PRO A 340 -4.27 14.66 -15.10
C PRO A 340 -4.00 15.75 -14.05
N ILE A 341 -4.69 15.64 -12.91
CA ILE A 341 -4.51 16.61 -11.84
C ILE A 341 -3.18 16.40 -11.10
N GLU A 342 -2.84 15.15 -10.79
CA GLU A 342 -1.57 14.85 -10.12
C GLU A 342 -0.42 15.31 -11.01
N GLU A 343 -0.57 15.04 -12.31
CA GLU A 343 0.42 15.43 -13.30
C GLU A 343 0.55 16.95 -13.36
N GLU A 344 -0.58 17.66 -13.42
CA GLU A 344 -0.49 19.12 -13.44
C GLU A 344 0.15 19.67 -12.15
N ALA A 345 -0.21 19.09 -11.02
CA ALA A 345 0.35 19.50 -9.73
C ALA A 345 1.88 19.25 -9.69
N ASN A 346 2.34 18.30 -10.51
CA ASN A 346 3.79 18.00 -10.58
C ASN A 346 4.50 18.87 -11.62
N GLY A 347 3.75 19.77 -12.24
CA GLY A 347 4.33 20.67 -13.23
C GLY A 347 4.23 20.25 -14.68
N LEU A 348 3.67 19.07 -14.95
CA LEU A 348 3.57 18.61 -16.34
C LEU A 348 2.52 19.43 -17.12
N ASP A 349 2.67 19.46 -18.45
CA ASP A 349 1.81 20.30 -19.29
C ASP A 349 1.02 19.61 -20.40
N TRP A 350 1.18 18.31 -20.57
CA TRP A 350 0.48 17.60 -21.64
C TRP A 350 -1.04 17.76 -21.62
N MET A 351 -1.61 18.01 -20.44
CA MET A 351 -3.06 18.14 -20.32
C MET A 351 -3.57 19.57 -20.55
N LEU A 352 -2.63 20.48 -20.75
CA LEU A 352 -2.94 21.91 -20.96
C LEU A 352 -3.49 22.19 -22.34
CL CL B . -15.05 1.47 16.45
CL CL C . -5.90 18.03 15.19
CL CL D . -2.42 -14.03 18.03
CL CL E . 18.78 12.20 -10.65
CL CL F . 4.95 10.33 8.29
CL CL G . 6.44 15.47 7.21
PA NAD H . 4.28 6.50 0.97
O1A NAD H . 5.11 5.86 -0.08
O2A NAD H . 3.02 7.07 0.39
O5B NAD H . 5.17 7.66 1.69
C5B NAD H . 5.93 7.39 2.88
C4B NAD H . 5.97 8.68 3.62
O4B NAD H . 6.72 8.42 4.82
C3B NAD H . 6.73 9.83 2.88
O3B NAD H . 5.93 11.04 2.89
C2B NAD H . 8.04 10.00 3.66
O2B NAD H . 8.50 11.38 3.62
C1B NAD H . 7.64 9.50 5.09
N9A NAD H . 8.64 8.71 5.79
C8A NAD H . 8.53 7.37 6.01
N7A NAD H . 9.71 7.01 6.71
C5A NAD H . 10.44 8.14 6.86
C6A NAD H . 11.76 8.32 7.55
N6A NAD H . 12.47 7.21 8.16
N1A NAD H . 12.25 9.75 7.51
C2A NAD H . 11.43 10.73 6.86
N3A NAD H . 10.30 10.42 6.33
C4A NAD H . 9.81 9.15 6.33
O3 NAD H . 3.61 5.52 2.06
PN NAD H . 2.81 4.19 2.00
O1N NAD H . 2.45 3.83 0.60
O2N NAD H . 1.55 4.31 2.82
O5D NAD H . 3.71 3.05 2.64
C5D NAD H . 4.98 2.67 2.15
C4D NAD H . 5.04 1.10 2.05
O4D NAD H . 4.04 0.61 1.13
C3D NAD H . 6.39 0.57 1.54
O3D NAD H . 7.03 -0.20 2.60
C2D NAD H . 6.01 -0.29 0.30
O2D NAD H . 6.85 -1.43 0.14
C1D NAD H . 4.52 -0.63 0.58
N1N NAD H . 3.79 -0.98 -0.65
C2N NAD H . 3.75 -0.01 -1.74
C3N NAD H . 3.09 -0.38 -2.86
C7N NAD H . 3.02 0.51 -4.03
O7N NAD H . 2.44 0.15 -5.03
N7N NAD H . 3.61 1.83 -3.98
C4N NAD H . 2.46 -1.73 -2.91
C5N NAD H . 2.54 -2.57 -1.87
C6N NAD H . 3.26 -2.16 -0.66
#